data_2QTG
#
_entry.id   2QTG
#
_cell.length_a   40.580
_cell.length_b   126.050
_cell.length_c   45.540
_cell.angle_alpha   90.00
_cell.angle_beta   109.02
_cell.angle_gamma   90.00
#
_symmetry.space_group_name_H-M   'P 1 21 1'
#
loop_
_entity.id
_entity.type
_entity.pdbx_description
1 polymer "5'-methylthioadenosine nucleosidase"
2 non-polymer 2-(4-AMINO-PYRROLO[2,3-D]PYRIMIDIN-7-YL)-5-METHYLSULFANYLMETHYL-TETRAHYDRO-FURAN-3,4-DIOL
3 non-polymer 1,2-ETHANEDIOL
4 water water
#
_entity_poly.entity_id   1
_entity_poly.type   'polypeptide(L)'
_entity_poly.pdbx_seq_one_letter_code
;MAPHGDGLSDIEEPEVDAQSEILRPISSVVFVIAMQAEALPLVNKFGLSETTDSPLGKGLPWVLYHGVHKDLRINVVCPG
RDAALGIDSVGTVPASLITFASIQALKPDIIINAGTCGGFKVKGANIGDVFLVSDVVFHDRRIPIPMFDLYGVGLRQAFS
TPNLLKELNLKIGRLSTGDSLDMSTQDETLIIANDATLKDMEGAAVAYVADLLKIPVVFLKAVTDLVDGDKPTAEEFLQN
LTVVTAALEGTATKVINFINGRNLSDL
;
_entity_poly.pdbx_strand_id   A,B
#
# COMPACT_ATOMS: atom_id res chain seq x y z
N ILE A 22 27.90 3.27 1.46
CA ILE A 22 29.09 2.83 0.74
C ILE A 22 29.86 4.00 0.14
N LEU A 23 30.91 3.65 -0.60
CA LEU A 23 31.89 4.62 -1.07
C LEU A 23 31.98 4.64 -2.59
N ARG A 24 31.36 3.65 -3.24
CA ARG A 24 31.09 3.68 -4.68
C ARG A 24 30.29 4.94 -5.03
N PRO A 25 30.72 5.71 -6.06
CA PRO A 25 29.98 6.92 -6.37
C PRO A 25 28.57 6.61 -6.92
N ILE A 26 27.58 7.41 -6.52
CA ILE A 26 26.18 7.23 -6.94
C ILE A 26 26.06 7.36 -8.44
N SER A 27 25.49 6.36 -9.09
CA SER A 27 25.36 6.42 -10.53
C SER A 27 23.90 6.58 -11.00
N SER A 28 22.97 6.22 -10.12
CA SER A 28 21.53 6.15 -10.43
C SER A 28 20.60 6.61 -9.27
N VAL A 29 19.71 7.55 -9.59
CA VAL A 29 18.71 8.10 -8.67
C VAL A 29 17.31 7.87 -9.23
N VAL A 30 16.43 7.26 -8.44
CA VAL A 30 15.01 7.20 -8.74
C VAL A 30 14.21 8.20 -7.88
N PHE A 31 13.48 9.08 -8.54
CA PHE A 31 12.44 9.95 -7.91
C PHE A 31 11.08 9.25 -7.96
N VAL A 32 10.46 9.08 -6.79
CA VAL A 32 9.08 8.56 -6.74
C VAL A 32 8.14 9.75 -6.46
N ILE A 33 7.34 10.12 -7.47
CA ILE A 33 6.53 11.33 -7.33
C ILE A 33 5.06 10.96 -7.60
N ALA A 34 4.19 11.28 -6.64
CA ALA A 34 2.83 10.72 -6.65
C ALA A 34 1.88 11.32 -7.73
N MET A 35 1.99 12.63 -7.93
CA MET A 35 1.17 13.36 -8.91
C MET A 35 1.97 13.93 -10.08
N GLN A 36 1.47 13.76 -11.30
CA GLN A 36 2.25 14.22 -12.46
C GLN A 36 2.53 15.72 -12.51
N ALA A 37 1.69 16.51 -11.85
CA ALA A 37 1.91 17.95 -11.70
C ALA A 37 3.12 18.29 -10.81
N GLU A 38 3.41 17.42 -9.84
CA GLU A 38 4.63 17.51 -9.01
C GLU A 38 5.87 17.05 -9.83
N ALA A 39 5.67 16.17 -10.83
CA ALA A 39 6.79 15.60 -11.56
C ALA A 39 7.17 16.43 -12.80
N LEU A 40 6.18 16.92 -13.54
CA LEU A 40 6.47 17.54 -14.86
C LEU A 40 7.45 18.74 -14.85
N PRO A 41 7.39 19.63 -13.82
CA PRO A 41 8.41 20.68 -13.84
C PRO A 41 9.86 20.20 -13.81
N LEU A 42 10.15 19.20 -12.98
CA LEU A 42 11.51 18.64 -12.87
C LEU A 42 11.92 17.92 -14.15
N VAL A 43 10.95 17.20 -14.72
CA VAL A 43 11.12 16.46 -15.95
C VAL A 43 11.54 17.45 -17.03
N ASN A 44 10.84 18.57 -17.11
CA ASN A 44 11.20 19.61 -18.09
C ASN A 44 12.55 20.27 -17.81
N LYS A 45 12.84 20.58 -16.54
CA LYS A 45 14.12 21.15 -16.13
C LYS A 45 15.33 20.31 -16.57
N PHE A 46 15.24 18.99 -16.48
CA PHE A 46 16.35 18.13 -16.86
C PHE A 46 16.21 17.53 -18.27
N GLY A 47 15.14 17.91 -18.96
CA GLY A 47 14.84 17.38 -20.28
C GLY A 47 14.82 15.85 -20.28
N LEU A 48 14.13 15.28 -19.30
CA LEU A 48 13.99 13.83 -19.23
C LEU A 48 12.93 13.41 -20.23
N SER A 49 13.09 12.23 -20.82
CA SER A 49 12.03 11.80 -21.74
C SER A 49 11.17 10.67 -21.16
N GLU A 50 9.87 10.75 -21.42
CA GLU A 50 8.96 9.66 -21.08
C GLU A 50 9.38 8.42 -21.87
N THR A 51 9.54 7.30 -21.18
CA THR A 51 10.11 6.13 -21.85
C THR A 51 9.04 5.51 -22.74
N THR A 52 9.48 4.96 -23.87
CA THR A 52 8.56 4.39 -24.87
C THR A 52 8.25 2.93 -24.61
N ASP A 53 9.14 2.25 -23.89
CA ASP A 53 9.17 0.78 -23.85
C ASP A 53 8.90 0.06 -22.51
N SER A 54 7.94 0.54 -21.73
CA SER A 54 7.48 -0.15 -20.50
C SER A 54 8.54 -0.86 -19.62
N PRO A 55 9.55 -0.13 -19.10
CA PRO A 55 10.59 -0.77 -18.30
C PRO A 55 10.11 -1.45 -17.01
N LEU A 56 8.93 -1.07 -16.49
CA LEU A 56 8.41 -1.61 -15.22
C LEU A 56 7.32 -2.65 -15.42
N GLY A 57 7.15 -3.10 -16.67
CA GLY A 57 6.10 -4.05 -17.02
C GLY A 57 5.11 -3.42 -17.95
N LYS A 58 4.62 -4.21 -18.90
CA LYS A 58 3.71 -3.70 -19.91
C LYS A 58 2.27 -3.54 -19.39
N GLY A 59 1.48 -2.73 -20.08
CA GLY A 59 0.03 -2.57 -19.80
C GLY A 59 -0.35 -1.94 -18.46
N LEU A 60 0.52 -1.06 -17.95
CA LEU A 60 0.31 -0.42 -16.67
C LEU A 60 0.17 1.07 -16.85
N PRO A 61 -0.53 1.74 -15.92
CA PRO A 61 -0.70 3.17 -16.02
C PRO A 61 0.55 3.97 -15.55
N TRP A 62 1.52 3.26 -14.95
CA TRP A 62 2.75 3.91 -14.49
C TRP A 62 3.55 4.68 -15.57
N VAL A 63 4.10 5.82 -15.17
CA VAL A 63 4.91 6.66 -16.06
C VAL A 63 6.35 6.71 -15.55
N LEU A 64 7.29 6.47 -16.45
CA LEU A 64 8.70 6.57 -16.15
C LEU A 64 9.36 7.59 -17.07
N TYR A 65 9.96 8.61 -16.47
CA TYR A 65 10.77 9.58 -17.19
C TYR A 65 12.24 9.31 -16.92
N HIS A 66 13.02 9.22 -18.00
CA HIS A 66 14.45 8.91 -17.91
C HIS A 66 15.33 9.99 -18.56
N GLY A 67 16.48 10.22 -17.96
CA GLY A 67 17.55 11.04 -18.53
C GLY A 67 18.87 10.81 -17.82
N VAL A 68 19.91 11.50 -18.28
CA VAL A 68 21.24 11.47 -17.65
C VAL A 68 21.74 12.91 -17.48
N HIS A 69 22.30 13.22 -16.32
CA HIS A 69 22.79 14.56 -16.07
C HIS A 69 24.18 14.52 -15.52
N LYS A 70 25.12 14.61 -16.44
CA LYS A 70 26.52 14.37 -16.17
C LYS A 70 26.69 12.94 -15.69
N ASP A 71 27.27 12.79 -14.51
CA ASP A 71 27.61 11.47 -14.00
C ASP A 71 26.40 10.63 -13.55
N LEU A 72 25.20 11.19 -13.65
CA LEU A 72 24.02 10.61 -12.99
C LEU A 72 22.89 10.13 -13.89
N ARG A 73 22.49 8.88 -13.74
CA ARG A 73 21.22 8.43 -14.36
C ARG A 73 20.02 8.86 -13.50
N ILE A 74 19.06 9.53 -14.11
CA ILE A 74 17.86 10.03 -13.41
C ILE A 74 16.60 9.38 -13.93
N ASN A 75 15.89 8.67 -13.04
CA ASN A 75 14.56 8.13 -13.30
C ASN A 75 13.52 8.81 -12.42
N VAL A 76 12.47 9.29 -13.03
CA VAL A 76 11.30 9.82 -12.32
C VAL A 76 10.11 8.90 -12.60
N VAL A 77 9.52 8.37 -11.54
CA VAL A 77 8.42 7.44 -11.68
CA VAL A 77 8.46 7.38 -11.62
C VAL A 77 7.19 7.95 -10.96
N CYS A 78 6.04 7.78 -11.63
CA CYS A 78 4.73 8.26 -11.21
C CYS A 78 3.72 7.12 -11.40
N PRO A 79 2.82 6.91 -10.43
CA PRO A 79 1.81 5.86 -10.59
C PRO A 79 0.77 6.15 -11.69
N GLY A 80 0.72 7.41 -12.12
CA GLY A 80 -0.12 7.85 -13.24
C GLY A 80 -1.59 7.86 -12.98
N ARG A 81 -2.35 7.75 -14.05
CA ARG A 81 -3.81 7.87 -14.01
C ARG A 81 -4.53 6.63 -13.61
N ASP A 82 -5.49 6.79 -12.70
CA ASP A 82 -6.34 5.71 -12.29
C ASP A 82 -7.19 5.34 -13.51
N ALA A 83 -7.31 4.04 -13.77
CA ALA A 83 -8.00 3.55 -14.97
C ALA A 83 -9.51 3.73 -14.89
N ALA A 84 -10.09 3.63 -13.70
CA ALA A 84 -11.51 3.92 -13.48
C ALA A 84 -11.93 5.43 -13.40
N LEU A 85 -11.10 6.28 -12.79
CA LEU A 85 -11.53 7.69 -12.47
C LEU A 85 -10.72 8.77 -13.18
N GLY A 86 -9.62 8.36 -13.81
CA GLY A 86 -8.77 9.24 -14.60
C GLY A 86 -7.88 10.24 -13.90
N ILE A 87 -7.85 10.22 -12.56
CA ILE A 87 -7.03 11.16 -11.77
C ILE A 87 -5.72 10.50 -11.25
N ASP A 88 -4.82 11.29 -10.65
CA ASP A 88 -3.53 10.73 -10.17
C ASP A 88 -3.75 9.71 -9.05
N SER A 89 -3.09 8.56 -9.22
CA SER A 89 -3.17 7.43 -8.32
C SER A 89 -2.39 7.61 -6.97
N VAL A 90 -2.85 8.60 -6.20
CA VAL A 90 -2.24 8.99 -4.93
C VAL A 90 -2.44 7.91 -3.85
N GLY A 91 -1.67 8.01 -2.76
CA GLY A 91 -1.87 7.12 -1.61
C GLY A 91 -0.86 5.99 -1.52
N THR A 92 -0.91 5.25 -0.41
CA THR A 92 0.22 4.39 0.00
C THR A 92 0.37 3.16 -0.89
N VAL A 93 -0.75 2.61 -1.39
CA VAL A 93 -0.67 1.39 -2.21
C VAL A 93 0.01 1.57 -3.54
N PRO A 94 -0.47 2.50 -4.40
CA PRO A 94 0.27 2.70 -5.67
C PRO A 94 1.76 3.10 -5.46
N ALA A 95 1.99 4.03 -4.53
CA ALA A 95 3.35 4.44 -4.16
C ALA A 95 4.26 3.23 -3.80
N SER A 96 3.78 2.36 -2.91
CA SER A 96 4.54 1.15 -2.50
C SER A 96 4.83 0.25 -3.72
N LEU A 97 3.82 0.08 -4.61
CA LEU A 97 3.92 -0.76 -5.80
C LEU A 97 4.92 -0.17 -6.81
N ILE A 98 4.81 1.12 -7.12
CA ILE A 98 5.78 1.69 -8.03
C ILE A 98 7.21 1.68 -7.48
N THR A 99 7.35 1.81 -6.16
CA THR A 99 8.67 1.86 -5.52
C THR A 99 9.31 0.46 -5.66
N PHE A 100 8.54 -0.56 -5.30
CA PHE A 100 8.96 -1.97 -5.39
C PHE A 100 9.43 -2.30 -6.81
N ALA A 101 8.60 -1.98 -7.80
CA ALA A 101 8.88 -2.33 -9.17
C ALA A 101 10.05 -1.53 -9.72
N SER A 102 10.19 -0.28 -9.27
CA SER A 102 11.31 0.56 -9.67
C SER A 102 12.62 0.06 -9.12
N ILE A 103 12.64 -0.33 -7.85
CA ILE A 103 13.84 -0.90 -7.26
C ILE A 103 14.30 -2.17 -8.04
N GLN A 104 13.35 -3.04 -8.31
CA GLN A 104 13.63 -4.33 -8.99
C GLN A 104 14.11 -4.18 -10.44
N ALA A 105 13.49 -3.28 -11.18
CA ALA A 105 13.81 -3.06 -12.59
C ALA A 105 15.03 -2.13 -12.79
N LEU A 106 15.09 -1.03 -12.04
CA LEU A 106 16.03 0.06 -12.34
C LEU A 106 17.28 0.06 -11.46
N LYS A 107 17.26 -0.71 -10.38
CA LYS A 107 18.40 -0.87 -9.46
C LYS A 107 19.10 0.47 -9.09
N PRO A 108 18.34 1.41 -8.50
CA PRO A 108 18.94 2.70 -8.16
C PRO A 108 19.84 2.60 -6.94
N ASP A 109 20.78 3.53 -6.81
CA ASP A 109 21.58 3.67 -5.58
C ASP A 109 20.83 4.39 -4.42
N ILE A 110 19.82 5.17 -4.78
CA ILE A 110 19.09 5.98 -3.81
C ILE A 110 17.71 6.35 -4.39
N ILE A 111 16.70 6.39 -3.53
CA ILE A 111 15.35 6.80 -3.89
C ILE A 111 15.08 8.17 -3.26
N ILE A 112 14.45 9.05 -4.02
CA ILE A 112 13.96 10.32 -3.53
C ILE A 112 12.45 10.40 -3.75
N ASN A 113 11.71 10.39 -2.65
CA ASN A 113 10.27 10.64 -2.67
C ASN A 113 10.11 12.16 -2.56
N ALA A 114 9.69 12.79 -3.65
CA ALA A 114 9.53 14.27 -3.70
C ALA A 114 8.06 14.61 -3.97
N GLY A 115 7.50 15.57 -3.24
CA GLY A 115 6.13 16.00 -3.48
C GLY A 115 5.62 17.03 -2.48
N THR A 116 4.35 17.37 -2.61
CA THR A 116 3.68 18.31 -1.70
C THR A 116 3.16 17.62 -0.42
N CYS A 117 2.92 18.41 0.61
CA CYS A 117 2.45 17.90 1.87
C CYS A 117 1.76 19.00 2.67
N GLY A 118 1.09 18.56 3.73
CA GLY A 118 0.62 19.43 4.82
C GLY A 118 1.78 19.73 5.78
N GLY A 119 1.71 20.87 6.45
CA GLY A 119 2.67 21.24 7.48
C GLY A 119 1.97 21.87 8.66
N PHE A 120 2.59 21.79 9.82
CA PHE A 120 2.06 22.45 11.04
C PHE A 120 2.84 23.72 11.28
N LYS A 121 2.13 24.84 11.19
CA LYS A 121 2.77 26.12 11.48
C LYS A 121 3.38 26.13 12.90
N VAL A 122 2.78 25.39 13.82
CA VAL A 122 3.32 25.31 15.18
C VAL A 122 4.61 24.47 15.30
N LYS A 123 4.95 23.71 14.24
CA LYS A 123 6.23 22.99 14.15
C LYS A 123 7.23 23.75 13.27
N GLY A 124 6.82 24.95 12.86
CA GLY A 124 7.67 25.85 12.10
C GLY A 124 7.52 25.78 10.60
N ALA A 125 6.45 25.12 10.11
CA ALA A 125 6.26 24.99 8.65
C ALA A 125 5.65 26.26 8.09
N ASN A 126 6.16 26.72 6.95
CA ASN A 126 5.53 27.78 6.14
C ASN A 126 5.22 27.28 4.74
N ILE A 127 4.18 27.84 4.10
CA ILE A 127 3.84 27.46 2.73
C ILE A 127 5.06 27.80 1.85
N GLY A 128 5.42 26.89 0.95
CA GLY A 128 6.59 27.06 0.10
C GLY A 128 7.88 26.45 0.62
N ASP A 129 7.97 26.21 1.93
CA ASP A 129 9.09 25.46 2.52
C ASP A 129 9.27 24.06 1.88
N VAL A 130 10.49 23.70 1.53
CA VAL A 130 10.80 22.30 1.16
C VAL A 130 11.62 21.64 2.27
N PHE A 131 11.02 20.64 2.93
CA PHE A 131 11.65 19.93 4.03
C PHE A 131 12.43 18.69 3.55
N LEU A 132 13.54 18.46 4.24
CA LEU A 132 14.23 17.21 4.19
C LEU A 132 13.58 16.46 5.34
N VAL A 133 13.27 15.20 5.17
CA VAL A 133 12.56 14.51 6.24
C VAL A 133 13.57 13.73 7.07
N SER A 134 13.50 13.83 8.42
CA SER A 134 14.35 13.03 9.30
C SER A 134 13.92 11.59 9.41
N ASP A 135 12.64 11.38 9.67
CA ASP A 135 12.11 10.05 9.79
C ASP A 135 10.60 10.06 9.49
N VAL A 136 10.05 8.88 9.31
CA VAL A 136 8.69 8.72 8.81
CA VAL A 136 8.64 8.78 8.91
C VAL A 136 7.87 7.84 9.79
N VAL A 137 6.56 8.10 9.89
CA VAL A 137 5.61 7.25 10.61
C VAL A 137 4.29 7.21 9.79
N PHE A 138 3.44 6.28 10.17
CA PHE A 138 2.00 6.28 9.80
C PHE A 138 1.12 6.86 10.88
N HIS A 139 0.00 7.46 10.50
CA HIS A 139 -1.02 7.82 11.52
C HIS A 139 -2.34 7.00 11.44
N ASP A 140 -2.48 6.17 10.44
CA ASP A 140 -3.76 5.47 10.23
C ASP A 140 -3.62 3.94 10.17
N ARG A 141 -2.56 3.41 10.79
CA ARG A 141 -2.43 1.97 10.93
C ARG A 141 -2.53 1.63 12.41
N ARG A 142 -3.73 1.78 12.98
CA ARG A 142 -3.97 1.61 14.40
C ARG A 142 -4.29 0.13 14.63
N ILE A 143 -3.38 -0.58 15.31
CA ILE A 143 -3.55 -1.99 15.60
C ILE A 143 -3.30 -2.23 17.11
N PRO A 144 -4.34 -2.03 17.94
CA PRO A 144 -4.10 -1.96 19.38
C PRO A 144 -3.95 -3.33 20.05
N ILE A 145 -2.92 -4.06 19.64
CA ILE A 145 -2.56 -5.34 20.29
C ILE A 145 -1.02 -5.34 20.40
N PRO A 146 -0.46 -6.11 21.30
CA PRO A 146 0.98 -5.98 21.55
C PRO A 146 1.85 -6.21 20.31
N MET A 147 2.89 -5.41 20.20
CA MET A 147 3.83 -5.44 19.10
C MET A 147 3.34 -5.20 17.65
N PHE A 148 2.03 -5.32 17.45
CA PHE A 148 1.41 -4.96 16.18
C PHE A 148 1.19 -3.44 16.23
N ASP A 149 0.98 -2.92 17.43
CA ASP A 149 0.80 -1.45 17.58
C ASP A 149 2.01 -0.63 17.07
N LEU A 150 3.21 -1.06 17.43
CA LEU A 150 4.48 -0.46 16.98
C LEU A 150 4.72 -0.68 15.49
N TYR A 151 4.37 -1.87 15.00
CA TYR A 151 4.36 -2.17 13.56
C TYR A 151 3.48 -1.17 12.80
N GLY A 152 2.26 -0.93 13.30
CA GLY A 152 1.39 0.10 12.70
C GLY A 152 2.01 1.49 12.68
N VAL A 153 2.82 1.85 13.68
CA VAL A 153 3.55 3.15 13.65
C VAL A 153 4.52 3.27 12.42
N GLY A 154 5.11 2.17 12.01
CA GLY A 154 6.00 2.12 10.87
C GLY A 154 7.16 3.09 10.92
N LEU A 155 7.72 3.33 12.12
CA LEU A 155 8.79 4.35 12.28
C LEU A 155 10.05 3.92 11.56
N ARG A 156 10.46 4.70 10.56
CA ARG A 156 11.72 4.50 9.82
C ARG A 156 12.49 5.78 9.62
N GLN A 157 13.83 5.66 9.57
CA GLN A 157 14.74 6.79 9.39
C GLN A 157 15.03 7.02 7.91
N ALA A 158 14.97 8.28 7.47
CA ALA A 158 15.48 8.61 6.15
C ALA A 158 16.99 8.39 6.17
N PHE A 159 17.57 8.11 5.02
CA PHE A 159 19.03 8.03 4.88
C PHE A 159 19.72 9.32 5.40
N SER A 160 20.76 9.16 6.19
CA SER A 160 21.48 10.30 6.77
C SER A 160 22.19 11.07 5.65
N THR A 161 21.82 12.34 5.47
CA THR A 161 22.42 13.22 4.46
C THR A 161 22.89 14.58 5.08
N PRO A 162 23.84 14.52 6.04
CA PRO A 162 24.21 15.76 6.78
C PRO A 162 24.84 16.86 5.92
N ASN A 163 25.65 16.51 4.93
CA ASN A 163 26.26 17.51 4.02
C ASN A 163 25.25 18.24 3.14
N LEU A 164 24.29 17.52 2.60
CA LEU A 164 23.23 18.11 1.80
C LEU A 164 22.40 19.07 2.64
N LEU A 165 22.11 18.67 3.86
CA LEU A 165 21.38 19.53 4.78
C LEU A 165 22.18 20.81 5.07
N LYS A 166 23.45 20.67 5.45
CA LYS A 166 24.36 21.82 5.65
C LYS A 166 24.44 22.73 4.40
N GLU A 167 24.51 22.13 3.22
CA GLU A 167 24.60 22.87 1.96
C GLU A 167 23.31 23.61 1.58
N LEU A 168 22.20 22.88 1.60
CA LEU A 168 20.94 23.40 1.11
C LEU A 168 20.13 24.15 2.15
N ASN A 169 20.45 23.92 3.42
CA ASN A 169 19.73 24.52 4.57
C ASN A 169 18.21 24.34 4.49
N LEU A 170 17.82 23.11 4.21
CA LEU A 170 16.40 22.75 4.24
C LEU A 170 16.01 22.52 5.69
N LYS A 171 14.81 23.00 6.05
CA LYS A 171 14.14 22.61 7.27
C LYS A 171 13.99 21.07 7.34
N ILE A 172 13.94 20.53 8.56
CA ILE A 172 13.81 19.09 8.72
CA ILE A 172 13.83 19.09 8.78
C ILE A 172 12.76 18.81 9.81
N GLY A 173 12.14 17.64 9.74
CA GLY A 173 11.08 17.29 10.66
C GLY A 173 10.58 15.91 10.31
N ARG A 174 9.71 15.39 11.15
CA ARG A 174 9.18 14.05 10.93
C ARG A 174 7.94 14.16 10.07
N LEU A 175 7.79 13.20 9.16
CA LEU A 175 6.66 13.12 8.25
C LEU A 175 5.69 12.03 8.73
N SER A 176 4.39 12.35 8.79
CA SER A 176 3.38 11.36 9.18
C SER A 176 2.46 11.09 7.99
N THR A 177 2.37 9.80 7.66
CA THR A 177 1.68 9.36 6.45
C THR A 177 0.34 8.68 6.76
N GLY A 178 -0.68 8.97 5.95
CA GLY A 178 -1.93 8.20 6.00
C GLY A 178 -2.68 8.32 4.68
N ASP A 179 -3.71 7.50 4.46
CA ASP A 179 -4.39 7.53 3.14
C ASP A 179 -5.49 8.60 2.94
N SER A 180 -5.58 9.56 3.85
CA SER A 180 -6.65 10.60 3.73
C SER A 180 -6.05 11.99 3.59
N LEU A 181 -6.59 12.81 2.68
CA LEU A 181 -6.18 14.19 2.49
C LEU A 181 -6.67 15.09 3.61
N ASP A 182 -7.83 14.80 4.16
CA ASP A 182 -8.32 15.58 5.26
C ASP A 182 -7.72 15.04 6.56
N MET A 183 -8.19 15.51 7.69
CA MET A 183 -7.63 15.04 8.98
C MET A 183 -8.74 14.85 10.00
N SER A 184 -9.03 13.60 10.29
CA SER A 184 -9.99 13.26 11.37
C SER A 184 -9.35 13.57 12.73
N THR A 185 -10.15 13.53 13.79
CA THR A 185 -9.66 13.83 15.12
C THR A 185 -8.72 12.69 15.62
N GLN A 186 -9.10 11.45 15.35
CA GLN A 186 -8.20 10.30 15.59
C GLN A 186 -6.81 10.45 14.92
N ASP A 187 -6.79 10.90 13.68
CA ASP A 187 -5.56 11.15 12.96
C ASP A 187 -4.74 12.24 13.67
N GLU A 188 -5.39 13.36 13.97
CA GLU A 188 -4.75 14.49 14.61
C GLU A 188 -4.06 14.05 15.91
N THR A 189 -4.76 13.21 16.65
CA THR A 189 -4.28 12.73 17.95
C THR A 189 -2.97 12.00 17.78
N LEU A 190 -2.90 11.14 16.74
CA LEU A 190 -1.72 10.31 16.55
C LEU A 190 -0.58 11.15 15.94
N ILE A 191 -0.95 12.06 15.02
CA ILE A 191 0.00 13.01 14.43
C ILE A 191 0.71 13.83 15.51
N ILE A 192 -0.06 14.33 16.49
CA ILE A 192 0.46 15.09 17.61
C ILE A 192 1.32 14.19 18.51
N ALA A 193 0.81 12.99 18.83
CA ALA A 193 1.52 12.03 19.69
C ALA A 193 2.87 11.65 19.08
N ASN A 194 2.88 11.44 17.76
CA ASN A 194 4.12 11.09 17.05
C ASN A 194 5.05 12.29 16.71
N ASP A 195 4.61 13.48 17.09
CA ASP A 195 5.34 14.75 16.99
C ASP A 195 5.77 15.09 15.57
N ALA A 196 4.83 14.98 14.62
CA ALA A 196 5.10 15.16 13.18
C ALA A 196 5.06 16.65 12.81
N THR A 197 5.93 17.08 11.92
CA THR A 197 5.88 18.43 11.31
C THR A 197 5.08 18.43 10.02
N LEU A 198 5.15 17.29 9.32
CA LEU A 198 4.62 17.20 7.97
C LEU A 198 3.63 16.01 7.83
N LYS A 199 2.76 16.13 6.85
CA LYS A 199 1.63 15.21 6.67
C LYS A 199 1.45 14.92 5.18
N ASP A 200 1.43 13.63 4.84
CA ASP A 200 1.22 13.26 3.44
C ASP A 200 0.45 11.95 3.31
N MET A 201 0.42 11.42 2.10
CA MET A 201 -0.31 10.17 1.84
C MET A 201 0.54 9.05 1.24
N GLU A 202 1.85 9.29 1.05
CA GLU A 202 2.71 8.24 0.51
C GLU A 202 3.99 7.89 1.28
N GLY A 203 4.58 8.86 2.00
CA GLY A 203 5.98 8.79 2.43
C GLY A 203 6.40 7.52 3.15
N ALA A 204 5.69 7.20 4.22
CA ALA A 204 6.05 6.03 5.04
C ALA A 204 5.95 4.67 4.31
N ALA A 205 5.13 4.63 3.25
CA ALA A 205 4.95 3.45 2.41
C ALA A 205 6.15 3.29 1.50
N VAL A 206 6.60 4.40 0.88
CA VAL A 206 7.89 4.41 0.13
C VAL A 206 9.04 3.92 1.03
N ALA A 207 9.09 4.45 2.27
CA ALA A 207 10.17 4.06 3.21
C ALA A 207 10.14 2.56 3.53
N TYR A 208 8.93 2.03 3.79
CA TYR A 208 8.75 0.62 4.12
C TYR A 208 9.41 -0.29 3.06
N VAL A 209 9.09 0.00 1.80
CA VAL A 209 9.64 -0.71 0.65
C VAL A 209 11.14 -0.51 0.44
N ALA A 210 11.61 0.74 0.54
CA ALA A 210 13.04 1.05 0.55
C ALA A 210 13.78 0.19 1.59
N ASP A 211 13.21 0.10 2.80
CA ASP A 211 13.80 -0.70 3.89
C ASP A 211 13.82 -2.22 3.56
N LEU A 212 12.68 -2.73 3.05
CA LEU A 212 12.55 -4.14 2.63
C LEU A 212 13.72 -4.51 1.72
N LEU A 213 14.00 -3.63 0.75
CA LEU A 213 14.94 -3.93 -0.33
C LEU A 213 16.33 -3.29 -0.12
N LYS A 214 16.52 -2.71 1.06
CA LYS A 214 17.77 -2.10 1.51
C LYS A 214 18.31 -1.01 0.58
N ILE A 215 17.43 -0.09 0.17
CA ILE A 215 17.82 1.05 -0.64
C ILE A 215 17.70 2.35 0.17
N PRO A 216 18.78 3.16 0.17
CA PRO A 216 18.75 4.48 0.81
C PRO A 216 17.58 5.31 0.29
N VAL A 217 16.86 5.95 1.19
CA VAL A 217 15.72 6.76 0.79
C VAL A 217 15.79 8.11 1.50
N VAL A 218 15.49 9.16 0.72
CA VAL A 218 15.33 10.53 1.23
C VAL A 218 14.04 11.14 0.66
N PHE A 219 13.62 12.21 1.31
CA PHE A 219 12.32 12.83 1.10
C PHE A 219 12.48 14.32 1.00
N LEU A 220 11.98 14.88 -0.10
CA LEU A 220 11.82 16.31 -0.24
C LEU A 220 10.29 16.64 -0.23
N LYS A 221 9.84 17.33 0.82
CA LYS A 221 8.40 17.57 1.01
C LYS A 221 8.11 19.08 1.07
N ALA A 222 7.35 19.54 0.08
CA ALA A 222 7.03 20.95 -0.10
C ALA A 222 5.66 21.23 0.48
N VAL A 223 5.67 22.10 1.48
CA VAL A 223 4.47 22.46 2.24
C VAL A 223 3.51 23.30 1.38
N THR A 224 2.40 22.69 0.92
CA THR A 224 1.31 23.41 0.24
C THR A 224 0.18 23.93 1.07
N ASP A 225 -0.06 23.32 2.22
CA ASP A 225 -1.07 23.84 3.11
C ASP A 225 -0.65 23.64 4.54
N LEU A 226 -1.16 24.54 5.38
CA LEU A 226 -0.95 24.54 6.82
C LEU A 226 -2.14 23.85 7.43
N VAL A 227 -1.90 22.64 7.92
CA VAL A 227 -2.97 21.79 8.46
C VAL A 227 -3.62 22.50 9.66
N ASP A 228 -2.84 23.30 10.36
CA ASP A 228 -3.32 24.06 11.50
C ASP A 228 -3.44 25.58 11.24
N GLY A 229 -3.70 25.95 9.98
CA GLY A 229 -3.99 27.35 9.60
C GLY A 229 -5.30 27.48 8.83
N ASP A 230 -5.67 28.68 8.45
CA ASP A 230 -6.96 28.86 7.72
C ASP A 230 -6.91 28.49 6.25
N LYS A 231 -8.11 28.34 5.68
CA LYS A 231 -8.33 28.16 4.24
C LYS A 231 -7.77 29.38 3.49
N PRO A 232 -6.93 29.15 2.47
CA PRO A 232 -6.54 30.27 1.59
C PRO A 232 -7.72 30.69 0.72
N THR A 233 -7.72 31.94 0.28
CA THR A 233 -8.66 32.38 -0.77
C THR A 233 -8.19 31.77 -2.10
N ALA A 234 -9.04 31.84 -3.12
CA ALA A 234 -8.69 31.33 -4.45
C ALA A 234 -7.42 32.00 -4.91
N GLU A 235 -7.33 33.32 -4.72
CA GLU A 235 -6.17 34.09 -5.13
C GLU A 235 -4.90 33.58 -4.47
N GLU A 236 -4.94 33.41 -3.14
CA GLU A 236 -3.82 32.92 -2.36
C GLU A 236 -3.38 31.53 -2.81
N PHE A 237 -4.36 30.63 -2.95
CA PHE A 237 -4.13 29.24 -3.31
C PHE A 237 -3.36 29.15 -4.65
N LEU A 238 -3.86 29.83 -5.67
CA LEU A 238 -3.17 29.92 -6.96
C LEU A 238 -1.78 30.54 -6.90
N GLN A 239 -1.62 31.64 -6.17
CA GLN A 239 -0.28 32.26 -6.02
C GLN A 239 0.65 31.34 -5.22
N ASN A 240 0.16 30.74 -4.14
CA ASN A 240 0.94 29.77 -3.37
C ASN A 240 1.42 28.58 -4.19
N LEU A 241 0.55 28.12 -5.10
CA LEU A 241 0.84 27.01 -5.97
C LEU A 241 2.04 27.24 -6.87
N THR A 242 2.17 28.44 -7.44
CA THR A 242 3.30 28.70 -8.31
C THR A 242 4.58 28.72 -7.46
N VAL A 243 4.46 29.23 -6.22
CA VAL A 243 5.57 29.29 -5.26
C VAL A 243 6.00 27.88 -4.88
N VAL A 244 5.03 27.03 -4.48
CA VAL A 244 5.29 25.63 -4.10
C VAL A 244 5.93 24.85 -5.25
N THR A 245 5.41 25.06 -6.45
CA THR A 245 5.93 24.43 -7.66
C THR A 245 7.37 24.82 -7.96
N ALA A 246 7.67 26.12 -7.94
CA ALA A 246 9.06 26.56 -8.14
C ALA A 246 9.99 26.08 -7.04
N ALA A 247 9.50 26.05 -5.80
CA ALA A 247 10.30 25.63 -4.63
C ALA A 247 10.67 24.15 -4.72
N LEU A 248 9.70 23.32 -5.08
CA LEU A 248 9.92 21.88 -5.20
C LEU A 248 10.92 21.55 -6.30
N GLU A 249 10.65 22.08 -7.50
CA GLU A 249 11.46 21.93 -8.70
C GLU A 249 12.92 22.38 -8.46
N GLY A 250 13.07 23.61 -7.94
CA GLY A 250 14.37 24.19 -7.62
C GLY A 250 15.11 23.39 -6.57
N THR A 251 14.42 22.93 -5.54
CA THR A 251 15.12 22.17 -4.48
C THR A 251 15.59 20.81 -5.02
N ALA A 252 14.71 20.12 -5.78
CA ALA A 252 15.06 18.84 -6.39
C ALA A 252 16.22 18.96 -7.40
N THR A 253 16.21 19.99 -8.24
CA THR A 253 17.39 20.38 -9.04
C THR A 253 18.72 20.44 -8.27
N LYS A 254 18.77 21.27 -7.22
CA LYS A 254 19.96 21.40 -6.37
C LYS A 254 20.38 20.08 -5.66
N VAL A 255 19.39 19.26 -5.32
CA VAL A 255 19.67 17.93 -4.74
C VAL A 255 20.40 17.03 -5.77
N ILE A 256 19.86 16.91 -7.00
CA ILE A 256 20.52 16.17 -8.10
C ILE A 256 21.98 16.66 -8.33
N ASN A 257 22.16 17.98 -8.43
CA ASN A 257 23.46 18.61 -8.63
C ASN A 257 24.45 18.29 -7.51
N PHE A 258 23.96 18.31 -6.27
CA PHE A 258 24.76 17.91 -5.10
C PHE A 258 25.19 16.41 -5.06
N ILE A 259 24.24 15.51 -5.37
CA ILE A 259 24.47 14.07 -5.41
C ILE A 259 25.53 13.70 -6.44
N ASN A 260 25.53 14.40 -7.57
CA ASN A 260 26.42 14.11 -8.66
C ASN A 260 27.89 14.15 -8.22
N GLY A 261 28.60 13.03 -8.38
CA GLY A 261 30.04 12.93 -8.02
C GLY A 261 30.25 12.47 -6.59
N ARG A 262 29.15 12.21 -5.88
CA ARG A 262 29.26 11.77 -4.50
C ARG A 262 29.00 10.29 -4.38
N ASN A 263 29.52 9.69 -3.32
CA ASN A 263 29.07 8.39 -2.85
C ASN A 263 28.08 8.61 -1.70
N LEU A 264 27.50 7.55 -1.19
CA LEU A 264 26.46 7.68 -0.18
C LEU A 264 27.00 8.21 1.14
N SER A 265 28.25 7.85 1.43
CA SER A 265 28.97 8.35 2.59
C SER A 265 29.15 9.86 2.59
N ASP A 266 29.19 10.47 1.42
CA ASP A 266 29.44 11.90 1.29
C ASP A 266 28.12 12.63 1.29
N LEU A 267 27.06 11.84 1.21
CA LEU A 267 25.68 12.28 1.15
C LEU A 267 24.75 11.68 0.07
N LEU B 23 -13.73 -21.00 -22.43
CA LEU B 23 -12.32 -20.72 -22.02
C LEU B 23 -11.52 -22.02 -21.72
N ARG B 24 -10.23 -21.86 -21.44
CA ARG B 24 -9.36 -22.98 -21.03
C ARG B 24 -9.54 -23.22 -19.52
N PRO B 25 -9.30 -24.46 -19.03
CA PRO B 25 -9.55 -24.69 -17.60
C PRO B 25 -8.54 -23.99 -16.71
N ILE B 26 -9.02 -23.42 -15.60
CA ILE B 26 -8.14 -22.84 -14.55
C ILE B 26 -7.03 -23.85 -14.17
N SER B 27 -5.78 -23.42 -14.18
CA SER B 27 -4.67 -24.34 -13.84
C SER B 27 -3.83 -23.89 -12.66
N SER B 28 -3.99 -22.64 -12.25
CA SER B 28 -3.11 -22.10 -11.23
C SER B 28 -3.85 -21.11 -10.32
N VAL B 29 -3.81 -21.41 -9.03
CA VAL B 29 -4.42 -20.58 -8.03
C VAL B 29 -3.35 -20.05 -7.05
N VAL B 30 -3.43 -18.75 -6.76
CA VAL B 30 -2.62 -18.17 -5.71
C VAL B 30 -3.52 -17.63 -4.60
N PHE B 31 -3.29 -18.09 -3.37
CA PHE B 31 -3.94 -17.58 -2.16
C PHE B 31 -3.04 -16.49 -1.58
N VAL B 32 -3.65 -15.35 -1.27
CA VAL B 32 -2.99 -14.24 -0.57
C VAL B 32 -3.52 -14.26 0.88
N ILE B 33 -2.67 -14.56 1.84
CA ILE B 33 -3.08 -14.69 3.25
C ILE B 33 -2.14 -13.88 4.17
N ALA B 34 -2.72 -12.92 4.90
CA ALA B 34 -1.99 -11.92 5.65
C ALA B 34 -1.21 -12.48 6.86
N MET B 35 -1.75 -13.50 7.51
CA MET B 35 -1.12 -14.05 8.74
C MET B 35 -0.78 -15.53 8.56
N GLN B 36 0.46 -15.89 8.91
CA GLN B 36 0.91 -17.28 8.68
C GLN B 36 0.04 -18.30 9.38
N ALA B 37 -0.41 -17.99 10.59
CA ALA B 37 -1.32 -18.88 11.33
C ALA B 37 -2.60 -19.25 10.54
N GLU B 38 -3.16 -18.27 9.82
CA GLU B 38 -4.33 -18.51 8.98
C GLU B 38 -3.99 -19.35 7.74
N ALA B 39 -2.73 -19.27 7.30
CA ALA B 39 -2.27 -19.97 6.11
C ALA B 39 -1.99 -21.45 6.40
N LEU B 40 -1.45 -21.73 7.58
CA LEU B 40 -0.83 -23.03 7.76
C LEU B 40 -1.73 -24.24 7.75
N PRO B 41 -2.90 -24.17 8.37
CA PRO B 41 -3.83 -25.31 8.26
C PRO B 41 -4.17 -25.69 6.80
N LEU B 42 -4.25 -24.69 5.92
CA LEU B 42 -4.48 -24.93 4.50
C LEU B 42 -3.24 -25.53 3.83
N VAL B 43 -2.06 -25.12 4.29
CA VAL B 43 -0.78 -25.66 3.81
C VAL B 43 -0.69 -27.16 4.15
N ASN B 44 -0.96 -27.53 5.40
CA ASN B 44 -1.16 -28.95 5.81
C ASN B 44 -2.15 -29.74 4.97
N LYS B 45 -3.41 -29.31 4.99
CA LYS B 45 -4.47 -29.99 4.22
C LYS B 45 -4.00 -30.45 2.84
N PHE B 46 -3.25 -29.59 2.14
CA PHE B 46 -2.80 -29.89 0.79
C PHE B 46 -1.32 -30.34 0.69
N GLY B 47 -0.69 -30.57 1.84
CA GLY B 47 0.73 -30.89 1.95
C GLY B 47 1.59 -30.05 1.01
N LEU B 48 1.38 -28.73 1.07
CA LEU B 48 2.21 -27.79 0.32
C LEU B 48 3.53 -27.69 1.02
N SER B 49 4.58 -27.32 0.29
CA SER B 49 5.84 -27.16 0.99
C SER B 49 6.35 -25.76 0.85
N GLU B 50 7.09 -25.34 1.86
CA GLU B 50 7.69 -24.04 1.84
C GLU B 50 8.73 -23.89 0.72
N THR B 51 8.49 -22.92 -0.15
CA THR B 51 9.45 -22.50 -1.13
C THR B 51 10.79 -22.07 -0.45
N THR B 52 11.90 -22.55 -0.98
CA THR B 52 13.22 -22.25 -0.39
C THR B 52 14.10 -21.26 -1.19
N ASP B 53 13.72 -20.91 -2.43
CA ASP B 53 14.60 -20.10 -3.29
C ASP B 53 14.26 -18.59 -3.47
N SER B 54 13.44 -18.05 -2.56
CA SER B 54 13.07 -16.61 -2.54
C SER B 54 12.74 -16.03 -3.93
N PRO B 55 11.85 -16.70 -4.69
CA PRO B 55 11.63 -16.32 -6.10
C PRO B 55 11.15 -14.87 -6.26
N LEU B 56 10.42 -14.38 -5.26
CA LEU B 56 9.88 -13.02 -5.30
C LEU B 56 10.88 -11.91 -4.93
N GLY B 57 12.08 -12.28 -4.49
CA GLY B 57 13.07 -11.28 -4.12
C GLY B 57 13.89 -11.77 -2.97
N LYS B 58 15.20 -11.67 -3.12
CA LYS B 58 16.14 -12.10 -2.08
C LYS B 58 16.03 -11.18 -0.86
N GLY B 59 16.10 -11.77 0.32
CA GLY B 59 16.15 -10.95 1.52
C GLY B 59 14.82 -10.39 1.98
N LEU B 60 13.71 -10.71 1.30
CA LEU B 60 12.37 -10.26 1.70
C LEU B 60 11.83 -11.14 2.85
N PRO B 61 10.94 -10.61 3.71
CA PRO B 61 10.40 -11.49 4.75
C PRO B 61 9.23 -12.41 4.25
N TRP B 62 8.89 -12.34 2.96
CA TRP B 62 7.73 -13.06 2.40
C TRP B 62 7.91 -14.57 2.45
N VAL B 63 6.79 -15.28 2.68
CA VAL B 63 6.73 -16.74 2.73
C VAL B 63 5.83 -17.26 1.62
N LEU B 64 6.29 -18.29 0.90
CA LEU B 64 5.53 -18.90 -0.17
C LEU B 64 5.56 -20.43 -0.04
N TYR B 65 4.38 -21.05 -0.18
CA TYR B 65 4.19 -22.51 -0.13
C TYR B 65 3.59 -22.91 -1.44
N HIS B 66 4.04 -24.04 -1.98
CA HIS B 66 3.65 -24.47 -3.28
C HIS B 66 3.36 -25.96 -3.28
N GLY B 67 2.60 -26.34 -4.28
CA GLY B 67 2.15 -27.70 -4.45
C GLY B 67 1.29 -27.81 -5.66
N VAL B 68 0.78 -29.01 -5.85
CA VAL B 68 0.07 -29.35 -7.05
C VAL B 68 -1.01 -30.28 -6.55
N HIS B 69 -2.24 -29.97 -6.89
CA HIS B 69 -3.37 -30.78 -6.51
C HIS B 69 -4.40 -31.14 -7.55
N LYS B 70 -4.33 -32.36 -8.06
CA LYS B 70 -5.11 -32.74 -9.22
C LYS B 70 -4.78 -31.76 -10.36
N ASP B 71 -5.78 -31.18 -10.98
CA ASP B 71 -5.50 -30.25 -12.06
C ASP B 71 -4.86 -28.88 -11.75
N LEU B 72 -4.55 -28.62 -10.49
CA LEU B 72 -4.25 -27.24 -10.07
C LEU B 72 -2.88 -27.09 -9.45
N ARG B 73 -2.16 -26.06 -9.89
CA ARG B 73 -1.02 -25.60 -9.13
C ARG B 73 -1.57 -24.72 -8.00
N ILE B 74 -1.11 -24.98 -6.80
CA ILE B 74 -1.56 -24.22 -5.64
C ILE B 74 -0.36 -23.53 -5.01
N ASN B 75 -0.43 -22.21 -4.95
CA ASN B 75 0.55 -21.41 -4.20
C ASN B 75 -0.14 -20.59 -3.13
N VAL B 76 0.51 -20.43 -1.99
CA VAL B 76 -0.01 -19.61 -0.91
C VAL B 76 1.14 -18.66 -0.48
N VAL B 77 0.88 -17.35 -0.53
CA VAL B 77 1.87 -16.30 -0.18
C VAL B 77 1.41 -15.48 1.04
N CYS B 78 2.37 -15.23 1.96
CA CYS B 78 2.14 -14.45 3.17
C CYS B 78 3.20 -13.35 3.22
N PRO B 79 2.88 -12.20 3.84
CA PRO B 79 3.85 -11.07 3.90
C PRO B 79 5.00 -11.34 4.92
N GLY B 80 4.76 -12.31 5.79
CA GLY B 80 5.69 -12.83 6.78
C GLY B 80 5.98 -11.91 7.93
N ARG B 81 6.97 -12.27 8.73
CA ARG B 81 7.15 -11.48 9.93
C ARG B 81 7.99 -10.23 9.70
N ASP B 82 7.62 -9.16 10.41
CA ASP B 82 8.31 -7.91 10.30
C ASP B 82 9.77 -8.08 10.76
N ALA B 83 10.72 -7.64 9.92
CA ALA B 83 12.16 -7.83 10.25
C ALA B 83 12.52 -7.34 11.65
N ALA B 84 12.09 -6.13 11.99
CA ALA B 84 12.37 -5.53 13.30
C ALA B 84 11.51 -5.98 14.49
N LEU B 85 10.19 -6.14 14.27
CA LEU B 85 9.25 -6.39 15.36
C LEU B 85 8.73 -7.82 15.51
N GLY B 86 9.01 -8.65 14.52
CA GLY B 86 8.77 -10.10 14.58
C GLY B 86 7.35 -10.66 14.48
N ILE B 87 6.34 -9.81 14.20
CA ILE B 87 4.93 -10.25 14.04
C ILE B 87 4.49 -10.19 12.59
N ASP B 88 3.35 -10.78 12.25
CA ASP B 88 2.91 -10.83 10.82
C ASP B 88 2.72 -9.44 10.26
N SER B 89 3.16 -9.25 9.03
CA SER B 89 3.11 -7.93 8.46
C SER B 89 1.73 -7.70 7.78
N VAL B 90 0.71 -7.49 8.62
CA VAL B 90 -0.69 -7.25 8.20
C VAL B 90 -0.84 -5.87 7.51
N GLY B 91 -1.99 -5.67 6.86
CA GLY B 91 -2.35 -4.38 6.24
C GLY B 91 -2.22 -4.34 4.76
N THR B 92 -2.60 -3.17 4.20
CA THR B 92 -2.77 -3.00 2.75
C THR B 92 -1.50 -3.04 1.94
N VAL B 93 -0.45 -2.39 2.42
CA VAL B 93 0.78 -2.28 1.68
C VAL B 93 1.51 -3.63 1.42
N PRO B 94 1.82 -4.39 2.47
CA PRO B 94 2.43 -5.69 2.21
C PRO B 94 1.52 -6.61 1.46
N ALA B 95 0.21 -6.57 1.75
CA ALA B 95 -0.71 -7.45 1.04
C ALA B 95 -0.67 -7.10 -0.44
N SER B 96 -0.65 -5.81 -0.74
CA SER B 96 -0.56 -5.33 -2.13
C SER B 96 0.78 -5.79 -2.80
N LEU B 97 1.88 -5.73 -2.04
CA LEU B 97 3.17 -6.07 -2.65
C LEU B 97 3.25 -7.56 -3.02
N ILE B 98 2.80 -8.41 -2.11
CA ILE B 98 2.85 -9.87 -2.39
C ILE B 98 1.88 -10.32 -3.46
N THR B 99 0.76 -9.62 -3.60
CA THR B 99 -0.18 -9.84 -4.69
C THR B 99 0.48 -9.50 -6.01
N PHE B 100 1.18 -8.37 -6.03
CA PHE B 100 1.83 -7.91 -7.23
C PHE B 100 2.95 -8.86 -7.61
N ALA B 101 3.82 -9.16 -6.65
CA ALA B 101 5.00 -9.99 -6.92
C ALA B 101 4.64 -11.43 -7.25
N SER B 102 3.61 -11.98 -6.60
CA SER B 102 3.19 -13.35 -6.89
C SER B 102 2.55 -13.50 -8.28
N ILE B 103 1.75 -12.51 -8.70
CA ILE B 103 1.18 -12.49 -10.06
C ILE B 103 2.26 -12.41 -11.14
N GLN B 104 3.20 -11.47 -10.97
CA GLN B 104 4.28 -11.32 -11.94
C GLN B 104 5.13 -12.59 -12.06
N ALA B 105 5.40 -13.27 -10.94
CA ALA B 105 6.22 -14.48 -10.94
C ALA B 105 5.47 -15.75 -11.41
N LEU B 106 4.22 -15.90 -10.99
CA LEU B 106 3.50 -17.18 -11.15
C LEU B 106 2.40 -17.14 -12.22
N LYS B 107 1.99 -15.94 -12.61
CA LYS B 107 0.93 -15.78 -13.61
C LYS B 107 -0.27 -16.75 -13.38
N PRO B 108 -0.91 -16.67 -12.19
CA PRO B 108 -2.05 -17.53 -11.82
C PRO B 108 -3.25 -17.14 -12.64
N ASP B 109 -4.23 -18.04 -12.70
CA ASP B 109 -5.50 -17.75 -13.33
C ASP B 109 -6.45 -16.97 -12.44
N ILE B 110 -6.30 -17.14 -11.12
CA ILE B 110 -7.23 -16.58 -10.12
C ILE B 110 -6.48 -16.32 -8.83
N ILE B 111 -6.78 -15.19 -8.19
CA ILE B 111 -6.29 -14.88 -6.85
C ILE B 111 -7.40 -15.09 -5.83
N ILE B 112 -7.05 -15.72 -4.71
CA ILE B 112 -7.97 -15.86 -3.61
C ILE B 112 -7.39 -15.25 -2.34
N ASN B 113 -8.01 -14.17 -1.88
CA ASN B 113 -7.59 -13.51 -0.66
C ASN B 113 -8.43 -14.13 0.48
N ALA B 114 -7.77 -14.90 1.34
CA ALA B 114 -8.46 -15.66 2.42
C ALA B 114 -7.98 -15.19 3.79
N GLY B 115 -8.91 -14.94 4.68
CA GLY B 115 -8.54 -14.46 6.00
C GLY B 115 -9.69 -14.25 6.93
N THR B 116 -9.34 -13.79 8.14
CA THR B 116 -10.35 -13.43 9.14
C THR B 116 -10.81 -11.98 8.94
N CYS B 117 -11.91 -11.63 9.60
CA CYS B 117 -12.51 -10.30 9.45
C CYS B 117 -13.47 -10.00 10.60
N GLY B 118 -13.75 -8.71 10.81
CA GLY B 118 -14.92 -8.31 11.56
C GLY B 118 -16.19 -8.47 10.70
N GLY B 119 -17.33 -8.69 11.36
CA GLY B 119 -18.62 -8.70 10.67
C GLY B 119 -19.68 -7.95 11.45
N PHE B 120 -20.71 -7.48 10.77
CA PHE B 120 -21.86 -6.86 11.45
C PHE B 120 -23.04 -7.82 11.68
N LYS B 121 -23.41 -8.01 12.94
CA LYS B 121 -24.61 -8.77 13.31
C LYS B 121 -25.82 -8.30 12.54
N VAL B 122 -25.97 -6.98 12.46
CA VAL B 122 -27.14 -6.39 11.81
C VAL B 122 -27.21 -6.79 10.33
N LYS B 123 -26.06 -7.16 9.75
CA LYS B 123 -26.01 -7.55 8.35
C LYS B 123 -26.09 -9.08 8.19
N GLY B 124 -26.34 -9.75 9.31
CA GLY B 124 -26.54 -11.19 9.37
C GLY B 124 -25.26 -11.98 9.54
N ALA B 125 -24.16 -11.31 9.94
CA ALA B 125 -22.90 -12.00 10.17
C ALA B 125 -22.92 -12.64 11.55
N ASN B 126 -22.38 -13.84 11.65
CA ASN B 126 -22.16 -14.56 12.90
C ASN B 126 -20.72 -15.00 12.94
N ILE B 127 -20.16 -15.14 14.13
CA ILE B 127 -18.81 -15.67 14.37
C ILE B 127 -18.73 -17.05 13.71
N GLY B 128 -17.70 -17.28 12.87
CA GLY B 128 -17.41 -18.60 12.31
C GLY B 128 -17.89 -18.72 10.89
N ASP B 129 -18.77 -17.80 10.53
CA ASP B 129 -19.23 -17.68 9.13
C ASP B 129 -18.02 -17.40 8.25
N VAL B 130 -17.93 -18.10 7.12
CA VAL B 130 -16.96 -17.82 6.07
C VAL B 130 -17.75 -17.26 4.87
N PHE B 131 -17.53 -15.99 4.57
CA PHE B 131 -18.28 -15.28 3.56
C PHE B 131 -17.51 -15.24 2.24
N LEU B 132 -18.25 -15.30 1.14
CA LEU B 132 -17.78 -14.87 -0.15
C LEU B 132 -17.96 -13.34 -0.19
N VAL B 133 -17.15 -12.64 -0.96
CA VAL B 133 -17.28 -11.20 -1.05
C VAL B 133 -17.86 -10.80 -2.42
N SER B 134 -18.93 -10.03 -2.42
CA SER B 134 -19.52 -9.51 -3.66
C SER B 134 -18.69 -8.37 -4.25
N ASP B 135 -18.39 -7.37 -3.43
CA ASP B 135 -17.54 -6.27 -3.88
C ASP B 135 -16.85 -5.62 -2.68
N VAL B 136 -15.91 -4.74 -2.98
CA VAL B 136 -15.02 -4.30 -1.92
C VAL B 136 -14.78 -2.81 -2.05
N VAL B 137 -14.59 -2.17 -0.90
CA VAL B 137 -14.28 -0.77 -0.79
C VAL B 137 -13.23 -0.52 0.31
N PHE B 138 -12.74 0.72 0.37
CA PHE B 138 -11.94 1.19 1.51
C PHE B 138 -12.77 2.18 2.34
N HIS B 139 -12.59 2.13 3.65
CA HIS B 139 -13.13 3.14 4.53
C HIS B 139 -12.16 4.18 5.07
N ASP B 140 -10.85 4.09 4.77
CA ASP B 140 -9.84 5.01 5.34
C ASP B 140 -9.01 5.78 4.31
N ARG B 141 -9.56 5.93 3.10
CA ARG B 141 -8.93 6.70 2.05
C ARG B 141 -9.88 7.86 1.69
N ARG B 142 -9.87 8.87 2.56
CA ARG B 142 -10.83 9.97 2.46
C ARG B 142 -10.18 11.14 1.72
N ILE B 143 -10.58 11.37 0.45
CA ILE B 143 -10.03 12.47 -0.31
C ILE B 143 -11.18 13.37 -0.83
N PRO B 144 -11.51 14.44 -0.09
CA PRO B 144 -12.71 15.25 -0.36
C PRO B 144 -12.54 16.24 -1.54
N ILE B 145 -12.10 15.70 -2.66
CA ILE B 145 -12.04 16.38 -3.97
C ILE B 145 -12.89 15.46 -4.84
N PRO B 146 -13.70 16.02 -5.72
CA PRO B 146 -14.53 15.20 -6.58
C PRO B 146 -13.72 14.31 -7.53
N MET B 147 -14.17 13.08 -7.65
CA MET B 147 -13.49 12.02 -8.35
C MET B 147 -12.25 11.42 -7.72
N PHE B 148 -11.64 12.13 -6.79
CA PHE B 148 -10.61 11.54 -5.94
C PHE B 148 -11.36 10.86 -4.80
N ASP B 149 -12.47 11.46 -4.37
CA ASP B 149 -13.31 10.81 -3.36
C ASP B 149 -13.71 9.37 -3.76
N LEU B 150 -14.15 9.19 -5.00
CA LEU B 150 -14.46 7.84 -5.54
C LEU B 150 -13.26 6.91 -5.70
N TYR B 151 -12.13 7.49 -6.11
CA TYR B 151 -10.88 6.78 -6.21
C TYR B 151 -10.50 6.18 -4.83
N GLY B 152 -10.67 6.95 -3.76
CA GLY B 152 -10.26 6.56 -2.40
C GLY B 152 -11.13 5.44 -1.83
N VAL B 153 -12.43 5.56 -2.05
CA VAL B 153 -13.36 4.44 -1.78
C VAL B 153 -12.98 3.17 -2.57
N GLY B 154 -12.61 3.29 -3.86
CA GLY B 154 -12.00 2.15 -4.58
C GLY B 154 -12.93 0.93 -4.75
N LEU B 155 -14.20 1.22 -5.04
CA LEU B 155 -15.21 0.16 -5.24
C LEU B 155 -14.81 -0.72 -6.40
N ARG B 156 -14.65 -2.00 -6.14
CA ARG B 156 -14.22 -3.01 -7.12
C ARG B 156 -15.01 -4.28 -6.87
N GLN B 157 -15.44 -4.90 -7.95
CA GLN B 157 -16.24 -6.12 -7.85
C GLN B 157 -15.34 -7.34 -7.82
N ALA B 158 -15.64 -8.29 -6.91
CA ALA B 158 -15.00 -9.63 -7.00
C ALA B 158 -15.43 -10.32 -8.28
N PHE B 159 -14.60 -11.25 -8.73
CA PHE B 159 -14.95 -12.12 -9.87
C PHE B 159 -16.26 -12.88 -9.58
N SER B 160 -17.17 -12.81 -10.53
CA SER B 160 -18.49 -13.45 -10.43
C SER B 160 -18.34 -14.98 -10.36
N THR B 161 -18.70 -15.55 -9.20
CA THR B 161 -18.65 -16.99 -9.02
C THR B 161 -20.04 -17.54 -8.54
N PRO B 162 -21.09 -17.41 -9.38
CA PRO B 162 -22.44 -17.79 -8.88
C PRO B 162 -22.63 -19.28 -8.56
N ASN B 163 -21.97 -20.19 -9.30
CA ASN B 163 -22.12 -21.63 -9.04
C ASN B 163 -21.43 -22.05 -7.76
N LEU B 164 -20.25 -21.49 -7.52
CA LEU B 164 -19.53 -21.70 -6.27
C LEU B 164 -20.40 -21.21 -5.11
N LEU B 165 -20.89 -19.97 -5.23
CA LEU B 165 -21.81 -19.38 -4.25
C LEU B 165 -22.98 -20.35 -3.93
N LYS B 166 -23.68 -20.73 -5.00
CA LYS B 166 -24.86 -21.60 -4.93
C LYS B 166 -24.49 -22.97 -4.31
N GLU B 167 -23.48 -23.63 -4.86
CA GLU B 167 -23.16 -25.01 -4.48
C GLU B 167 -22.52 -25.17 -3.09
N LEU B 168 -21.69 -24.21 -2.67
CA LEU B 168 -21.05 -24.28 -1.34
C LEU B 168 -21.95 -23.65 -0.26
N ASN B 169 -22.97 -22.96 -0.74
CA ASN B 169 -23.95 -22.29 0.11
C ASN B 169 -23.28 -21.28 1.05
N LEU B 170 -22.51 -20.37 0.47
CA LEU B 170 -21.86 -19.34 1.25
C LEU B 170 -22.71 -18.10 1.40
N LYS B 171 -22.67 -17.51 2.59
CA LYS B 171 -23.03 -16.12 2.77
C LYS B 171 -22.16 -15.18 1.93
N ILE B 172 -22.74 -14.07 1.51
CA ILE B 172 -22.07 -13.10 0.67
C ILE B 172 -22.41 -11.68 1.17
N GLY B 173 -21.45 -10.77 1.03
CA GLY B 173 -21.67 -9.36 1.40
C GLY B 173 -20.52 -8.50 0.96
N ARG B 174 -20.69 -7.18 1.13
CA ARG B 174 -19.67 -6.22 0.75
C ARG B 174 -18.57 -6.19 1.83
N LEU B 175 -17.31 -6.15 1.37
CA LEU B 175 -16.13 -5.98 2.23
C LEU B 175 -15.60 -4.54 2.28
N SER B 176 -15.38 -4.02 3.49
CA SER B 176 -14.72 -2.68 3.68
C SER B 176 -13.35 -2.80 4.38
N THR B 177 -12.33 -2.28 3.72
CA THR B 177 -10.92 -2.38 4.09
C THR B 177 -10.33 -1.06 4.62
N GLY B 178 -9.60 -1.17 5.72
CA GLY B 178 -8.68 -0.12 6.11
C GLY B 178 -7.54 -0.70 6.95
N ASP B 179 -6.55 0.13 7.25
CA ASP B 179 -5.32 -0.34 7.85
C ASP B 179 -5.36 -0.39 9.36
N SER B 180 -6.54 -0.15 9.94
CA SER B 180 -6.70 -0.26 11.41
C SER B 180 -7.61 -1.42 11.82
N LEU B 181 -7.25 -2.05 12.94
CA LEU B 181 -8.01 -3.15 13.48
C LEU B 181 -9.23 -2.62 14.28
N ASP B 182 -9.10 -1.46 14.92
CA ASP B 182 -10.25 -0.85 15.63
C ASP B 182 -11.07 -0.12 14.57
N MET B 183 -11.94 0.78 15.01
CA MET B 183 -12.81 1.53 14.08
C MET B 183 -13.06 2.94 14.59
N SER B 184 -12.59 3.95 13.84
CA SER B 184 -12.76 5.32 14.32
C SER B 184 -14.22 5.77 14.02
N THR B 185 -14.62 6.95 14.48
CA THR B 185 -15.94 7.49 14.13
C THR B 185 -16.06 7.64 12.61
N GLN B 186 -15.06 8.25 11.98
CA GLN B 186 -15.11 8.49 10.51
C GLN B 186 -15.12 7.15 9.76
N ASP B 187 -14.33 6.18 10.23
CA ASP B 187 -14.34 4.81 9.67
C ASP B 187 -15.80 4.27 9.72
N GLU B 188 -16.41 4.33 10.90
CA GLU B 188 -17.76 3.79 11.05
C GLU B 188 -18.76 4.47 10.12
N THR B 189 -18.64 5.78 9.97
CA THR B 189 -19.50 6.54 9.08
C THR B 189 -19.45 6.03 7.62
N LEU B 190 -18.26 5.81 7.08
CA LEU B 190 -18.06 5.34 5.72
C LEU B 190 -18.48 3.87 5.55
N ILE B 191 -18.18 3.02 6.53
CA ILE B 191 -18.56 1.59 6.50
C ILE B 191 -20.09 1.42 6.41
N ILE B 192 -20.80 2.16 7.26
CA ILE B 192 -22.25 2.20 7.24
C ILE B 192 -22.78 2.76 5.91
N ALA B 193 -22.21 3.89 5.48
CA ALA B 193 -22.66 4.58 4.25
C ALA B 193 -22.46 3.69 3.03
N ASN B 194 -21.36 2.94 3.03
CA ASN B 194 -21.13 1.90 2.03
C ASN B 194 -21.84 0.56 2.24
N ASP B 195 -22.59 0.43 3.35
CA ASP B 195 -23.43 -0.75 3.58
C ASP B 195 -22.58 -2.04 3.57
N ALA B 196 -21.39 -1.99 4.15
CA ALA B 196 -20.57 -3.20 4.25
C ALA B 196 -21.09 -4.20 5.29
N THR B 197 -20.92 -5.49 5.00
CA THR B 197 -21.17 -6.54 5.99
C THR B 197 -19.91 -6.91 6.78
N LEU B 198 -18.77 -6.76 6.11
CA LEU B 198 -17.48 -7.29 6.54
C LEU B 198 -16.41 -6.20 6.60
N LYS B 199 -15.50 -6.33 7.57
CA LYS B 199 -14.41 -5.37 7.83
C LYS B 199 -13.04 -6.07 7.97
N ASP B 200 -12.06 -5.61 7.20
CA ASP B 200 -10.71 -6.21 7.20
C ASP B 200 -9.64 -5.14 6.92
N MET B 201 -8.42 -5.59 6.65
CA MET B 201 -7.25 -4.73 6.59
C MET B 201 -6.47 -4.95 5.29
N GLU B 202 -6.87 -5.93 4.48
CA GLU B 202 -6.18 -6.16 3.19
C GLU B 202 -7.02 -6.17 1.89
N GLY B 203 -8.30 -6.61 1.96
CA GLY B 203 -9.05 -7.05 0.75
C GLY B 203 -9.12 -6.07 -0.42
N ALA B 204 -9.46 -4.82 -0.13
CA ALA B 204 -9.62 -3.79 -1.20
C ALA B 204 -8.30 -3.50 -1.95
N ALA B 205 -7.19 -3.59 -1.24
CA ALA B 205 -5.86 -3.49 -1.80
C ALA B 205 -5.47 -4.68 -2.67
N VAL B 206 -5.77 -5.90 -2.21
CA VAL B 206 -5.65 -7.10 -3.07
C VAL B 206 -6.44 -6.88 -4.37
N ALA B 207 -7.71 -6.46 -4.27
CA ALA B 207 -8.55 -6.14 -5.45
C ALA B 207 -7.91 -5.12 -6.35
N TYR B 208 -7.34 -4.06 -5.76
CA TYR B 208 -6.71 -2.98 -6.55
C TYR B 208 -5.61 -3.58 -7.46
N VAL B 209 -4.74 -4.41 -6.87
CA VAL B 209 -3.64 -5.03 -7.63
C VAL B 209 -4.14 -6.08 -8.67
N ALA B 210 -5.07 -6.93 -8.25
CA ALA B 210 -5.73 -7.90 -9.15
C ALA B 210 -6.33 -7.16 -10.36
N ASP B 211 -6.96 -6.02 -10.09
CA ASP B 211 -7.56 -5.19 -11.13
C ASP B 211 -6.46 -4.60 -12.04
N LEU B 212 -5.48 -3.95 -11.43
CA LEU B 212 -4.27 -3.47 -12.12
C LEU B 212 -3.62 -4.48 -13.09
N LEU B 213 -3.57 -5.74 -12.68
CA LEU B 213 -2.92 -6.79 -13.45
C LEU B 213 -3.89 -7.71 -14.17
N LYS B 214 -5.17 -7.35 -14.15
CA LYS B 214 -6.24 -8.12 -14.84
C LYS B 214 -6.33 -9.60 -14.46
N ILE B 215 -6.29 -9.88 -13.16
CA ILE B 215 -6.45 -11.25 -12.69
C ILE B 215 -7.75 -11.32 -11.88
N PRO B 216 -8.61 -12.31 -12.20
CA PRO B 216 -9.80 -12.63 -11.42
C PRO B 216 -9.47 -12.72 -9.93
N VAL B 217 -10.20 -11.98 -9.08
CA VAL B 217 -10.02 -12.11 -7.63
C VAL B 217 -11.31 -12.54 -6.89
N VAL B 218 -11.14 -13.48 -5.94
CA VAL B 218 -12.24 -13.91 -5.08
CA VAL B 218 -12.20 -14.02 -5.09
C VAL B 218 -11.76 -13.85 -3.63
N PHE B 219 -12.71 -13.63 -2.71
CA PHE B 219 -12.42 -13.51 -1.29
C PHE B 219 -13.16 -14.54 -0.45
N LEU B 220 -12.45 -15.02 0.55
CA LEU B 220 -13.05 -15.84 1.62
C LEU B 220 -12.71 -15.15 2.94
N LYS B 221 -13.74 -14.61 3.60
CA LYS B 221 -13.50 -13.82 4.80
C LYS B 221 -14.25 -14.44 5.95
N ALA B 222 -13.49 -14.91 6.95
CA ALA B 222 -14.06 -15.67 8.03
C ALA B 222 -14.21 -14.77 9.26
N VAL B 223 -15.42 -14.70 9.79
CA VAL B 223 -15.79 -13.70 10.82
C VAL B 223 -15.26 -14.13 12.19
N THR B 224 -14.35 -13.35 12.76
CA THR B 224 -13.76 -13.61 14.09
C THR B 224 -14.38 -12.78 15.21
N ASP B 225 -15.11 -11.72 14.83
CA ASP B 225 -15.62 -10.76 15.82
C ASP B 225 -16.74 -9.89 15.25
N LEU B 226 -17.63 -9.43 16.13
CA LEU B 226 -18.80 -8.65 15.74
C LEU B 226 -18.56 -7.18 16.09
N VAL B 227 -18.41 -6.39 15.04
CA VAL B 227 -18.03 -4.98 15.12
C VAL B 227 -19.14 -4.21 15.87
N ASP B 228 -20.39 -4.65 15.69
CA ASP B 228 -21.53 -4.01 16.34
C ASP B 228 -22.05 -4.80 17.52
N GLY B 229 -21.22 -5.68 18.07
CA GLY B 229 -21.58 -6.54 19.18
C GLY B 229 -21.11 -5.90 20.45
N ASP B 230 -21.06 -6.70 21.53
CA ASP B 230 -20.67 -6.17 22.85
C ASP B 230 -19.28 -6.57 23.36
N LYS B 231 -18.55 -7.39 22.61
CA LYS B 231 -17.16 -7.69 22.98
C LYS B 231 -16.22 -6.65 22.36
N PRO B 232 -15.16 -6.28 23.12
CA PRO B 232 -14.11 -5.48 22.45
C PRO B 232 -13.49 -6.24 21.24
N THR B 233 -13.27 -5.53 20.14
CA THR B 233 -12.75 -6.11 18.90
C THR B 233 -11.47 -6.93 19.03
N ALA B 234 -10.45 -6.32 19.64
CA ALA B 234 -9.12 -6.93 19.76
C ALA B 234 -9.22 -8.25 20.51
N GLU B 235 -9.94 -8.22 21.63
CA GLU B 235 -10.04 -9.38 22.49
C GLU B 235 -10.84 -10.52 21.84
N GLU B 236 -11.95 -10.17 21.19
CA GLU B 236 -12.77 -11.16 20.48
C GLU B 236 -12.06 -11.78 19.28
N PHE B 237 -11.45 -10.94 18.45
CA PHE B 237 -10.60 -11.40 17.33
C PHE B 237 -9.55 -12.42 17.76
N LEU B 238 -8.86 -12.14 18.87
CA LEU B 238 -7.77 -13.03 19.34
C LEU B 238 -8.32 -14.35 19.88
N GLN B 239 -9.36 -14.27 20.72
CA GLN B 239 -10.01 -15.45 21.31
C GLN B 239 -10.61 -16.42 20.26
N ASN B 240 -11.13 -15.89 19.15
CA ASN B 240 -11.80 -16.68 18.12
C ASN B 240 -10.93 -17.06 16.91
N LEU B 241 -9.69 -16.57 16.88
CA LEU B 241 -8.79 -16.77 15.74
C LEU B 241 -8.58 -18.24 15.35
N THR B 242 -8.24 -19.11 16.31
CA THR B 242 -7.97 -20.50 15.97
C THR B 242 -9.19 -21.29 15.46
N VAL B 243 -10.33 -21.15 16.11
CA VAL B 243 -11.54 -21.92 15.74
C VAL B 243 -12.04 -21.40 14.39
N VAL B 244 -11.98 -20.10 14.18
CA VAL B 244 -12.44 -19.51 12.90
C VAL B 244 -11.52 -19.79 11.70
N THR B 245 -10.20 -19.80 11.93
CA THR B 245 -9.19 -20.22 10.96
C THR B 245 -9.45 -21.64 10.43
N ALA B 246 -9.86 -22.52 11.32
CA ALA B 246 -10.23 -23.91 11.01
C ALA B 246 -11.45 -23.95 10.07
N ALA B 247 -12.48 -23.13 10.37
CA ALA B 247 -13.64 -22.94 9.50
C ALA B 247 -13.18 -22.42 8.13
N LEU B 248 -12.35 -21.38 8.13
CA LEU B 248 -11.72 -20.86 6.90
C LEU B 248 -11.02 -21.95 6.09
N GLU B 249 -10.24 -22.80 6.77
CA GLU B 249 -9.55 -23.93 6.08
C GLU B 249 -10.55 -24.86 5.40
N GLY B 250 -11.55 -25.31 6.16
CA GLY B 250 -12.65 -26.14 5.63
C GLY B 250 -13.25 -25.61 4.34
N THR B 251 -13.57 -24.31 4.35
CA THR B 251 -14.17 -23.65 3.20
C THR B 251 -13.19 -23.48 2.05
N ALA B 252 -11.97 -23.00 2.32
CA ALA B 252 -10.92 -22.90 1.27
C ALA B 252 -10.68 -24.25 0.60
N THR B 253 -10.67 -25.32 1.38
CA THR B 253 -10.49 -26.67 0.85
C THR B 253 -11.59 -27.05 -0.15
N LYS B 254 -12.86 -26.74 0.19
CA LYS B 254 -13.97 -26.96 -0.71
C LYS B 254 -13.93 -26.09 -1.94
N VAL B 255 -13.42 -24.85 -1.79
CA VAL B 255 -13.28 -23.96 -2.94
C VAL B 255 -12.24 -24.51 -3.89
N ILE B 256 -11.09 -24.92 -3.37
CA ILE B 256 -10.07 -25.55 -4.21
C ILE B 256 -10.64 -26.77 -4.96
N ASN B 257 -11.34 -27.64 -4.25
CA ASN B 257 -11.94 -28.83 -4.87
C ASN B 257 -13.00 -28.51 -5.93
N PHE B 258 -13.74 -27.44 -5.71
CA PHE B 258 -14.78 -26.98 -6.65
C PHE B 258 -14.17 -26.37 -7.90
N ILE B 259 -13.15 -25.54 -7.69
CA ILE B 259 -12.42 -24.93 -8.81
C ILE B 259 -11.73 -25.97 -9.74
N ASN B 260 -11.25 -27.06 -9.14
CA ASN B 260 -10.53 -28.09 -9.91
C ASN B 260 -11.29 -28.54 -11.17
N GLY B 261 -10.64 -28.37 -12.32
CA GLY B 261 -11.21 -28.74 -13.65
C GLY B 261 -12.18 -27.76 -14.26
N ARG B 262 -12.50 -26.67 -13.56
CA ARG B 262 -13.41 -25.64 -14.10
C ARG B 262 -12.67 -24.59 -14.92
N ASN B 263 -13.36 -23.99 -15.88
CA ASN B 263 -12.87 -22.73 -16.42
C ASN B 263 -13.53 -21.58 -15.65
N LEU B 264 -13.21 -20.34 -16.02
CA LEU B 264 -13.67 -19.17 -15.27
C LEU B 264 -15.19 -18.97 -15.41
N SER B 265 -15.75 -19.28 -16.59
CA SER B 265 -17.19 -19.30 -16.83
C SER B 265 -17.97 -20.25 -15.96
N ASP B 266 -17.40 -21.40 -15.66
CA ASP B 266 -18.05 -22.39 -14.80
C ASP B 266 -18.01 -21.94 -13.36
N LEU B 267 -17.21 -20.89 -13.13
CA LEU B 267 -16.83 -20.37 -11.84
C LEU B 267 -15.32 -20.28 -11.50
#